data_5UZ6
#
_entry.id   5UZ6
#
_cell.length_a   106.695
_cell.length_b   63.066
_cell.length_c   65.917
_cell.angle_alpha   90.00
_cell.angle_beta   122.22
_cell.angle_gamma   90.00
#
_symmetry.space_group_name_H-M   'C 1 2 1'
#
loop_
_entity.id
_entity.type
_entity.pdbx_description
1 polymer 'RNA (25-MER)'
2 polymer "RNA (5'-D(*(8OS))-R(P*CP*AP*CP*CP*UP*CP*A)-3')"
3 water water
#
loop_
_entity_poly.entity_id
_entity_poly.type
_entity_poly.pdbx_seq_one_letter_code
_entity_poly.pdbx_strand_id
1 'polyribonucleotide' GAGGUG(LCC)(LCC)GAGCGCGAAAGCGCUCG A,C,E
2 'polyribonucleotide' (8OS)CACCUCA B,D,F
#